data_2XG7
#
_entry.id   2XG7
#
_cell.length_a   28.860
_cell.length_b   91.860
_cell.length_c   146.960
_cell.angle_alpha   90.00
_cell.angle_beta   90.00
_cell.angle_gamma   90.00
#
_symmetry.space_group_name_H-M   'P 21 21 21'
#
loop_
_entity.id
_entity.type
_entity.pdbx_description
1 polymer 'BONE MARROW STROMAL ANTIGEN 2'
2 non-polymer 2-acetamido-2-deoxy-beta-D-glucopyranose
#
_entity_poly.entity_id   1
_entity_poly.type   'polypeptide(L)'
_entity_poly.pdbx_seq_one_letter_code
;EACRDGLRAVMECRNVTHLLQQELTEAQKGFQDVEAQAATCNHTVMALMASLDAEKAQGQKKVEELEGEITTLNHKLQDA
SAEVERLRRENQVLSVRIADKGT
;
_entity_poly.pdbx_strand_id   A,C
#
# COMPACT_ATOMS: atom_id res chain seq x y z
N GLN A 22 -56.65 24.58 5.24
CA GLN A 22 -55.45 25.19 4.59
C GLN A 22 -54.19 24.36 4.81
N GLU A 23 -54.26 23.50 5.83
CA GLU A 23 -53.18 22.52 6.08
C GLU A 23 -52.97 21.63 4.87
N LEU A 24 -54.04 21.41 4.11
CA LEU A 24 -54.03 20.54 2.90
C LEU A 24 -52.94 20.95 1.90
N THR A 25 -52.86 22.26 1.69
CA THR A 25 -51.87 22.84 0.77
C THR A 25 -50.47 22.63 1.32
N GLU A 26 -50.34 22.93 2.60
CA GLU A 26 -49.08 22.75 3.36
C GLU A 26 -48.53 21.32 3.24
N ALA A 27 -49.46 20.39 3.04
CA ALA A 27 -49.13 18.96 2.96
C ALA A 27 -48.82 18.51 1.53
N GLN A 28 -49.41 19.20 0.58
CA GLN A 28 -49.08 18.99 -0.85
C GLN A 28 -47.63 19.41 -1.11
N LYS A 29 -47.29 20.56 -0.53
CA LYS A 29 -45.93 21.13 -0.60
C LYS A 29 -44.93 20.29 0.15
N GLY A 30 -45.09 20.26 1.48
CA GLY A 30 -44.23 19.45 2.37
C GLY A 30 -44.01 18.05 1.80
N PHE A 31 -45.06 17.51 1.22
CA PHE A 31 -44.97 16.21 0.57
C PHE A 31 -44.09 16.22 -0.65
N GLN A 32 -44.23 17.28 -1.45
CA GLN A 32 -43.49 17.39 -2.70
C GLN A 32 -41.97 17.44 -2.45
N ASP A 33 -41.60 18.26 -1.49
CA ASP A 33 -40.18 18.43 -1.16
C ASP A 33 -39.60 17.19 -0.44
N VAL A 34 -40.46 16.49 0.28
CA VAL A 34 -40.02 15.26 1.00
C VAL A 34 -39.83 14.10 0.03
N GLU A 35 -40.66 14.10 -1.00
CA GLU A 35 -40.55 13.16 -2.11
C GLU A 35 -39.23 13.37 -2.82
N ALA A 36 -39.06 14.59 -3.31
CA ALA A 36 -37.83 14.97 -4.02
C ALA A 36 -36.64 14.56 -3.17
N GLN A 37 -36.72 14.89 -1.88
CA GLN A 37 -35.65 14.61 -0.90
C GLN A 37 -35.27 13.16 -0.86
N ALA A 38 -36.26 12.29 -0.77
CA ALA A 38 -35.96 10.86 -0.68
C ALA A 38 -35.19 10.44 -1.93
N ALA A 39 -35.62 10.99 -3.07
CA ALA A 39 -34.99 10.65 -4.35
C ALA A 39 -33.53 11.03 -4.31
N THR A 40 -33.25 12.19 -3.73
CA THR A 40 -31.87 12.69 -3.64
C THR A 40 -31.02 11.74 -2.85
N CYS A 41 -31.57 11.29 -1.73
CA CYS A 41 -30.86 10.36 -0.87
C CYS A 41 -30.58 9.04 -1.59
N ASN A 42 -31.55 8.59 -2.38
CA ASN A 42 -31.38 7.31 -3.10
C ASN A 42 -30.19 7.36 -4.06
N HIS A 43 -30.10 8.46 -4.79
CA HIS A 43 -28.95 8.66 -5.68
C HIS A 43 -27.69 8.72 -4.84
N THR A 44 -27.83 9.42 -3.73
CA THR A 44 -26.74 9.62 -2.76
C THR A 44 -26.10 8.32 -2.27
N VAL A 45 -26.93 7.46 -1.73
CA VAL A 45 -26.50 6.10 -1.37
C VAL A 45 -25.85 5.42 -2.57
N MET A 46 -26.52 5.46 -3.71
CA MET A 46 -26.02 4.78 -4.92
C MET A 46 -24.56 5.18 -5.15
N ALA A 47 -24.34 6.48 -5.08
CA ALA A 47 -23.00 7.05 -5.30
C ALA A 47 -22.00 6.60 -4.25
N LEU A 48 -22.51 6.42 -3.06
CA LEU A 48 -21.68 6.01 -1.92
C LEU A 48 -21.14 4.60 -2.08
N MET A 49 -22.00 3.72 -2.54
CA MET A 49 -21.61 2.32 -2.83
C MET A 49 -20.58 2.35 -3.94
N ALA A 50 -20.92 3.08 -5.00
CA ALA A 50 -19.99 3.27 -6.12
C ALA A 50 -18.59 3.62 -5.60
N SER A 51 -18.57 4.63 -4.74
CA SER A 51 -17.32 5.15 -4.18
C SER A 51 -16.59 4.18 -3.25
N LEU A 52 -17.37 3.37 -2.58
CA LEU A 52 -16.84 2.40 -1.62
C LEU A 52 -16.10 1.26 -2.35
N ASP A 53 -16.79 0.67 -3.32
CA ASP A 53 -16.21 -0.39 -4.17
C ASP A 53 -15.02 0.11 -4.94
N ALA A 54 -15.12 1.37 -5.35
CA ALA A 54 -14.02 2.05 -6.02
C ALA A 54 -12.79 2.07 -5.11
N GLU A 55 -13.04 2.43 -3.86
CA GLU A 55 -11.97 2.55 -2.85
C GLU A 55 -11.33 1.19 -2.56
N LYS A 56 -12.14 0.18 -2.56
CA LYS A 56 -11.64 -1.18 -2.34
C LYS A 56 -10.69 -1.55 -3.47
N ALA A 57 -11.19 -1.35 -4.68
CA ALA A 57 -10.41 -1.60 -5.89
C ALA A 57 -9.04 -0.95 -5.77
N GLN A 58 -9.08 0.35 -5.59
CA GLN A 58 -7.86 1.16 -5.51
C GLN A 58 -6.91 0.56 -4.49
N GLY A 59 -7.46 0.23 -3.34
CA GLY A 59 -6.71 -0.31 -2.19
C GLY A 59 -5.97 -1.56 -2.59
N GLN A 60 -6.73 -2.52 -3.09
CA GLN A 60 -6.16 -3.80 -3.53
C GLN A 60 -5.08 -3.59 -4.58
N LYS A 61 -5.34 -2.66 -5.49
CA LYS A 61 -4.40 -2.35 -6.58
C LYS A 61 -3.07 -1.88 -6.02
N LYS A 62 -3.13 -0.85 -5.18
CA LYS A 62 -1.92 -0.27 -4.58
C LYS A 62 -1.14 -1.34 -3.83
N VAL A 63 -1.86 -2.16 -3.12
CA VAL A 63 -1.18 -3.19 -2.34
C VAL A 63 -0.50 -4.24 -3.24
N GLU A 64 -1.16 -4.62 -4.32
CA GLU A 64 -0.54 -5.53 -5.30
C GLU A 64 0.81 -4.97 -5.75
N GLU A 65 0.77 -3.68 -6.01
CA GLU A 65 1.94 -2.96 -6.49
C GLU A 65 3.06 -3.10 -5.49
N LEU A 66 2.69 -2.85 -4.24
CA LEU A 66 3.62 -2.88 -3.10
C LEU A 66 4.23 -4.25 -2.94
N GLU A 67 3.37 -5.25 -3.01
CA GLU A 67 3.79 -6.63 -2.93
C GLU A 67 4.87 -6.95 -3.97
N GLY A 68 4.57 -6.66 -5.23
CA GLY A 68 5.53 -6.87 -6.35
C GLY A 68 6.84 -6.18 -6.08
N GLU A 69 6.73 -4.99 -5.51
CA GLU A 69 7.90 -4.19 -5.12
C GLU A 69 8.76 -4.88 -4.06
N ILE A 70 8.08 -5.46 -3.09
CA ILE A 70 8.76 -6.05 -1.93
C ILE A 70 9.42 -7.36 -2.31
N THR A 71 8.73 -8.09 -3.16
CA THR A 71 9.26 -9.33 -3.74
C THR A 71 10.56 -9.02 -4.41
N THR A 72 10.51 -8.08 -5.36
CA THR A 72 11.71 -7.63 -6.10
C THR A 72 12.84 -7.23 -5.15
N LEU A 73 12.50 -6.47 -4.13
CA LEU A 73 13.47 -6.09 -3.08
C LEU A 73 14.15 -7.32 -2.46
N ASN A 74 13.38 -8.37 -2.33
CA ASN A 74 13.85 -9.59 -1.69
C ASN A 74 14.80 -10.35 -2.57
N HIS A 75 14.52 -10.37 -3.86
CA HIS A 75 15.35 -11.10 -4.80
C HIS A 75 16.68 -10.39 -4.98
N LYS A 76 16.62 -9.07 -4.95
CA LYS A 76 17.83 -8.25 -5.16
C LYS A 76 18.72 -8.35 -3.93
N LEU A 77 18.07 -8.40 -2.80
CA LEU A 77 18.76 -8.52 -1.53
C LEU A 77 19.45 -9.86 -1.43
N GLN A 78 18.72 -10.89 -1.82
CA GLN A 78 19.26 -12.26 -1.83
C GLN A 78 20.50 -12.33 -2.72
N ASP A 79 20.32 -11.95 -3.98
CA ASP A 79 21.42 -11.92 -4.96
C ASP A 79 22.64 -11.21 -4.40
N ALA A 80 22.38 -10.15 -3.67
CA ALA A 80 23.44 -9.39 -2.99
C ALA A 80 24.19 -10.27 -2.00
N SER A 81 23.45 -10.96 -1.15
CA SER A 81 24.05 -11.76 -0.06
C SER A 81 24.90 -12.89 -0.59
N ALA A 82 24.36 -13.53 -1.63
CA ALA A 82 25.09 -14.53 -2.43
C ALA A 82 26.44 -13.94 -2.83
N GLU A 83 26.34 -12.86 -3.59
CA GLU A 83 27.53 -12.16 -4.13
C GLU A 83 28.59 -11.92 -3.08
N VAL A 84 28.13 -11.49 -1.91
CA VAL A 84 29.04 -11.20 -0.77
C VAL A 84 29.81 -12.42 -0.36
N GLU A 85 29.10 -13.51 -0.13
CA GLU A 85 29.76 -14.76 0.25
C GLU A 85 30.80 -15.15 -0.81
N ARG A 86 30.34 -15.21 -2.05
CA ARG A 86 31.22 -15.52 -3.21
C ARG A 86 32.54 -14.73 -3.14
N LEU A 87 32.40 -13.49 -2.75
CA LEU A 87 33.56 -12.61 -2.69
C LEU A 87 34.44 -12.82 -1.46
N ARG A 88 33.85 -13.32 -0.39
CA ARG A 88 34.62 -13.64 0.79
C ARG A 88 35.50 -14.83 0.51
N ARG A 89 34.97 -15.76 -0.26
CA ARG A 89 35.77 -16.94 -0.62
C ARG A 89 36.90 -16.52 -1.57
N GLU A 90 36.49 -15.86 -2.65
CA GLU A 90 37.43 -15.37 -3.66
C GLU A 90 38.56 -14.69 -2.91
N ASN A 91 38.16 -14.02 -1.85
CA ASN A 91 39.08 -13.29 -1.00
C ASN A 91 40.05 -14.20 -0.25
N GLN A 92 39.51 -15.21 0.42
CA GLN A 92 40.35 -16.12 1.25
C GLN A 92 41.44 -16.77 0.40
N VAL A 93 41.07 -17.13 -0.80
CA VAL A 93 42.04 -17.57 -1.84
C VAL A 93 43.16 -16.56 -2.14
N LEU A 94 42.76 -15.37 -2.57
CA LEU A 94 43.74 -14.33 -2.88
C LEU A 94 44.70 -14.11 -1.70
N SER A 95 44.12 -14.13 -0.52
CA SER A 95 44.86 -13.88 0.73
C SER A 95 45.94 -14.93 0.94
N VAL A 96 45.56 -16.17 0.71
CA VAL A 96 46.52 -17.30 0.82
C VAL A 96 47.67 -17.13 -0.15
N ARG A 97 47.37 -16.70 -1.37
CA ARG A 97 48.45 -16.39 -2.34
C ARG A 97 49.42 -15.32 -1.80
N ILE A 98 48.85 -14.24 -1.29
CA ILE A 98 49.64 -13.11 -0.76
C ILE A 98 50.51 -13.52 0.44
N ALA A 99 50.04 -14.53 1.16
CA ALA A 99 50.80 -15.11 2.26
C ALA A 99 51.95 -15.95 1.71
N ASP A 100 51.70 -16.69 0.63
CA ASP A 100 52.75 -17.47 -0.08
C ASP A 100 53.93 -16.60 -0.46
N LYS A 101 53.59 -15.42 -0.95
CA LYS A 101 54.61 -14.43 -1.37
C LYS A 101 55.48 -14.00 -0.18
N GLY A 102 54.87 -14.06 1.00
CA GLY A 102 55.54 -13.70 2.28
C GLY A 102 56.83 -14.45 2.54
N THR A 103 57.01 -15.56 1.82
CA THR A 103 58.24 -16.39 1.93
C THR A 103 59.40 -15.78 1.14
N ALA B 27 -54.14 11.31 0.50
CA ALA B 27 -52.71 11.25 0.02
C ALA B 27 -51.72 11.65 1.11
N GLN B 28 -52.24 12.14 2.23
CA GLN B 28 -51.45 12.54 3.42
C GLN B 28 -50.72 11.34 4.05
N LYS B 29 -51.42 10.21 4.04
CA LYS B 29 -50.83 8.94 4.49
C LYS B 29 -49.59 8.69 3.65
N GLY B 30 -49.72 8.95 2.36
CA GLY B 30 -48.59 8.87 1.41
C GLY B 30 -47.41 9.71 1.84
N PHE B 31 -47.72 10.89 2.36
CA PHE B 31 -46.70 11.80 2.91
C PHE B 31 -45.95 11.18 4.09
N GLN B 32 -46.71 10.50 4.92
CA GLN B 32 -46.13 9.85 6.11
C GLN B 32 -45.17 8.72 5.73
N ASP B 33 -45.62 7.91 4.79
CA ASP B 33 -44.86 6.75 4.31
C ASP B 33 -43.57 7.18 3.65
N VAL B 34 -43.63 8.29 2.93
CA VAL B 34 -42.47 8.80 2.18
C VAL B 34 -41.45 9.45 3.12
N GLU B 35 -41.97 10.21 4.06
CA GLU B 35 -41.13 10.84 5.11
C GLU B 35 -40.31 9.77 5.82
N ALA B 36 -41.01 8.71 6.20
CA ALA B 36 -40.37 7.56 6.85
C ALA B 36 -39.29 6.97 5.96
N GLN B 37 -39.66 6.66 4.72
CA GLN B 37 -38.72 6.12 3.71
C GLN B 37 -37.42 6.93 3.64
N ALA B 38 -37.59 8.24 3.82
CA ALA B 38 -36.47 9.20 3.76
C ALA B 38 -35.59 9.10 5.00
N ALA B 39 -36.23 8.88 6.16
CA ALA B 39 -35.48 8.67 7.42
C ALA B 39 -34.58 7.43 7.32
N THR B 40 -35.19 6.35 6.87
CA THR B 40 -34.46 5.09 6.66
C THR B 40 -33.26 5.33 5.78
N CYS B 41 -33.52 5.95 4.65
CA CYS B 41 -32.44 6.16 3.68
C CYS B 41 -31.29 6.97 4.30
N ASN B 42 -31.65 7.96 5.08
CA ASN B 42 -30.63 8.81 5.70
C ASN B 42 -29.72 7.98 6.61
N HIS B 43 -30.32 7.07 7.37
CA HIS B 43 -29.54 6.20 8.28
C HIS B 43 -28.54 5.38 7.48
N THR B 44 -29.04 4.87 6.37
CA THR B 44 -28.24 4.00 5.50
C THR B 44 -27.06 4.78 4.96
N VAL B 45 -27.33 6.00 4.57
CA VAL B 45 -26.27 6.86 4.03
C VAL B 45 -25.20 7.10 5.10
N MET B 46 -25.64 7.40 6.31
CA MET B 46 -24.69 7.66 7.41
C MET B 46 -23.83 6.42 7.64
N ALA B 47 -24.48 5.27 7.56
CA ALA B 47 -23.81 4.00 7.77
C ALA B 47 -22.75 3.78 6.72
N LEU B 48 -23.09 4.07 5.47
CA LEU B 48 -22.14 3.85 4.36
C LEU B 48 -20.92 4.74 4.54
N MET B 49 -21.22 5.94 4.96
CA MET B 49 -20.22 6.97 5.17
C MET B 49 -19.19 6.51 6.18
N ALA B 50 -19.69 6.14 7.36
CA ALA B 50 -18.81 5.64 8.42
C ALA B 50 -17.93 4.61 7.77
N SER B 51 -18.55 3.83 6.88
CA SER B 51 -17.88 2.71 6.16
C SER B 51 -16.71 3.17 5.33
N LEU B 52 -17.03 3.89 4.29
CA LEU B 52 -16.04 4.43 3.40
C LEU B 52 -14.88 4.98 4.24
N ASP B 53 -15.17 5.85 5.19
CA ASP B 53 -14.10 6.47 6.06
C ASP B 53 -13.22 5.39 6.68
N ALA B 54 -13.89 4.36 7.14
CA ALA B 54 -13.20 3.22 7.77
C ALA B 54 -12.29 2.50 6.78
N GLU B 55 -12.82 2.25 5.59
CA GLU B 55 -12.08 1.53 4.53
C GLU B 55 -10.83 2.34 4.12
N LYS B 56 -10.99 3.64 4.09
CA LYS B 56 -9.89 4.51 3.74
C LYS B 56 -8.82 4.36 4.80
N ALA B 57 -9.25 4.25 6.06
CA ALA B 57 -8.31 4.14 7.22
C ALA B 57 -7.51 2.86 7.17
N GLN B 58 -8.21 1.79 6.87
CA GLN B 58 -7.61 0.45 6.79
C GLN B 58 -6.60 0.46 5.66
N GLY B 59 -7.09 0.82 4.48
CA GLY B 59 -6.27 0.96 3.26
C GLY B 59 -4.99 1.72 3.56
N GLN B 60 -5.18 2.85 4.18
CA GLN B 60 -4.06 3.73 4.55
C GLN B 60 -3.04 3.02 5.45
N LYS B 61 -3.52 2.31 6.45
CA LYS B 61 -2.58 1.64 7.39
C LYS B 61 -1.83 0.49 6.75
N LYS B 62 -2.50 -0.31 5.94
CA LYS B 62 -1.84 -1.44 5.21
C LYS B 62 -0.74 -0.91 4.33
N VAL B 63 -1.10 0.08 3.56
CA VAL B 63 -0.13 0.73 2.67
C VAL B 63 1.04 1.23 3.50
N GLU B 64 0.76 1.69 4.69
CA GLU B 64 1.81 2.23 5.58
C GLU B 64 2.76 1.12 6.04
N GLU B 65 2.18 -0.03 6.34
CA GLU B 65 2.97 -1.20 6.75
C GLU B 65 3.92 -1.59 5.63
N LEU B 66 3.37 -1.67 4.44
CA LEU B 66 4.15 -2.08 3.24
C LEU B 66 5.27 -1.09 2.94
N GLU B 67 4.95 0.18 3.08
CA GLU B 67 5.92 1.23 2.93
C GLU B 67 7.10 0.96 3.89
N GLY B 68 6.79 0.70 5.15
CA GLY B 68 7.84 0.47 6.19
C GLY B 68 8.69 -0.76 5.95
N GLU B 69 8.04 -1.79 5.42
CA GLU B 69 8.75 -3.03 5.06
C GLU B 69 9.65 -2.79 3.87
N ILE B 70 9.23 -1.88 3.00
CA ILE B 70 10.03 -1.53 1.83
C ILE B 70 11.24 -0.73 2.25
N THR B 71 11.05 0.02 3.31
CA THR B 71 12.12 0.90 3.81
C THR B 71 13.21 0.09 4.45
N THR B 72 12.82 -0.74 5.40
CA THR B 72 13.79 -1.60 6.11
C THR B 72 14.45 -2.57 5.11
N LEU B 73 13.61 -3.14 4.26
CA LEU B 73 14.09 -3.93 3.11
C LEU B 73 15.22 -3.23 2.40
N ASN B 74 14.93 -1.99 2.06
CA ASN B 74 15.94 -1.15 1.42
C ASN B 74 17.24 -1.05 2.23
N HIS B 75 17.12 -0.58 3.47
CA HIS B 75 18.29 -0.44 4.38
C HIS B 75 19.16 -1.69 4.39
N LYS B 76 18.50 -2.83 4.37
CA LYS B 76 19.22 -4.12 4.38
C LYS B 76 19.92 -4.35 3.04
N LEU B 77 19.33 -3.83 1.99
CA LEU B 77 19.95 -3.87 0.65
C LEU B 77 21.15 -2.91 0.49
N GLN B 78 21.08 -1.81 1.20
CA GLN B 78 22.19 -0.86 1.21
C GLN B 78 23.34 -1.51 1.93
N ASP B 79 23.06 -2.03 3.11
CA ASP B 79 24.07 -2.76 3.91
C ASP B 79 24.75 -3.79 3.04
N ALA B 80 23.92 -4.51 2.29
CA ALA B 80 24.41 -5.55 1.37
C ALA B 80 25.37 -4.98 0.34
N SER B 81 24.85 -4.13 -0.54
CA SER B 81 25.66 -3.60 -1.66
C SER B 81 26.95 -2.93 -1.18
N ALA B 82 26.89 -2.38 0.02
CA ALA B 82 28.04 -1.71 0.65
C ALA B 82 29.13 -2.72 0.98
N GLU B 83 28.73 -3.78 1.66
CA GLU B 83 29.64 -4.93 1.91
C GLU B 83 30.28 -5.42 0.63
N VAL B 84 29.47 -5.48 -0.41
CA VAL B 84 29.89 -5.98 -1.73
C VAL B 84 30.96 -5.13 -2.36
N GLU B 85 30.66 -3.86 -2.50
CA GLU B 85 31.58 -2.92 -3.16
C GLU B 85 32.88 -2.95 -2.37
N ARG B 86 32.73 -3.05 -1.07
CA ARG B 86 33.87 -3.04 -0.15
C ARG B 86 34.79 -4.21 -0.47
N LEU B 87 34.17 -5.36 -0.65
CA LEU B 87 34.94 -6.58 -0.92
C LEU B 87 35.61 -6.53 -2.28
N ARG B 88 34.85 -6.09 -3.27
CA ARG B 88 35.35 -5.93 -4.64
C ARG B 88 36.63 -5.12 -4.63
N ARG B 89 36.62 -4.11 -3.78
CA ARG B 89 37.77 -3.20 -3.64
C ARG B 89 38.95 -3.92 -2.98
N GLU B 90 38.67 -4.62 -1.88
CA GLU B 90 39.75 -5.27 -1.09
C GLU B 90 40.40 -6.41 -1.86
N ASN B 91 39.57 -7.03 -2.68
CA ASN B 91 39.99 -8.16 -3.52
C ASN B 91 40.74 -7.71 -4.75
N GLN B 92 40.29 -6.59 -5.30
CA GLN B 92 40.98 -6.05 -6.46
C GLN B 92 42.38 -5.75 -6.01
N VAL B 93 42.44 -5.17 -4.83
CA VAL B 93 43.72 -4.77 -4.23
C VAL B 93 44.61 -5.97 -4.04
N LEU B 94 44.03 -7.04 -3.55
CA LEU B 94 44.82 -8.22 -3.29
C LEU B 94 45.42 -8.71 -4.59
N SER B 95 44.59 -8.70 -5.62
CA SER B 95 45.01 -9.20 -6.93
C SER B 95 46.17 -8.37 -7.43
N VAL B 96 46.05 -7.06 -7.24
CA VAL B 96 47.09 -6.14 -7.67
C VAL B 96 48.38 -6.38 -6.92
N ARG B 97 48.25 -6.61 -5.62
CA ARG B 97 49.41 -6.85 -4.78
C ARG B 97 50.12 -8.09 -5.26
N ILE B 98 49.32 -9.08 -5.59
CA ILE B 98 49.85 -10.33 -6.10
C ILE B 98 50.62 -10.03 -7.38
N ALA B 99 50.02 -9.16 -8.19
CA ALA B 99 50.62 -8.75 -9.47
C ALA B 99 52.05 -8.23 -9.30
N ASP B 100 52.21 -7.17 -8.51
CA ASP B 100 53.56 -6.55 -8.31
C ASP B 100 54.58 -7.52 -7.70
N LYS B 101 54.06 -8.53 -7.01
CA LYS B 101 54.87 -9.64 -6.45
C LYS B 101 55.47 -10.51 -7.57
#